data_7O9O
#
_entry.id   7O9O
#
_cell.length_a   147.970
_cell.length_b   147.970
_cell.length_c   117.770
_cell.angle_alpha   90.000
_cell.angle_beta   90.000
_cell.angle_gamma   120.000
#
_symmetry.space_group_name_H-M   'H 3 2'
#
loop_
_entity.id
_entity.type
_entity.pdbx_description
1 polymer AWP3b
2 non-polymer 'CHLORIDE ION'
3 non-polymer 'SODIUM ION'
4 water water
#
_entity_poly.entity_id   1
_entity_poly.type   'polypeptide(L)'
_entity_poly.pdbx_seq_one_letter_code
;MGSSHHHHHHSSGLVPRGSHMASMTGGQQMGRGSDQTVRSVAGDQRVTDPVIVGDNSILDYYGGSNYDFSNNFEIGRGTL
YIGKESYFSSFQSAPTDVPNSFHLLIKNTNNLQNNGQFIIENIKRHANQCSNSSIQVFPINFQNDGEFEIISGGVEGRCC
LPTSVIAPQNFLNNGKFYYKVLTDTGSIYSGSCMQNVDIGASTTTTVNNNLWEFTGSINAQINGAVSGAAQINLDGSNMF
VNANTFSGQVVNLINGGSFLQTSDPLSNIVVINGLGTSDTGVTSIAVKGKGKSFTYNPSSGIVKLTTVEGKTYAYQIGCG
YNTKKFITNNDSGASYESADNFFVLTYSEPYSPQTCQLEN
;
_entity_poly.pdbx_strand_id   A
#
loop_
_chem_comp.id
_chem_comp.type
_chem_comp.name
_chem_comp.formula
CL non-polymer 'CHLORIDE ION' 'Cl -1'
NA non-polymer 'SODIUM ION' 'Na 1'
#
# COMPACT_ATOMS: atom_id res chain seq x y z
N ARG A 32 -32.86 -21.83 -6.52
CA ARG A 32 -32.05 -20.61 -6.48
C ARG A 32 -32.49 -19.59 -7.55
N GLY A 33 -31.95 -19.76 -8.76
CA GLY A 33 -32.29 -18.93 -9.90
C GLY A 33 -31.09 -18.58 -10.77
N SER A 34 -29.95 -18.27 -10.14
CA SER A 34 -28.73 -17.91 -10.83
C SER A 34 -27.69 -19.03 -10.74
N ASP A 35 -26.65 -18.93 -11.57
CA ASP A 35 -25.50 -19.82 -11.44
C ASP A 35 -24.65 -19.43 -10.24
N GLN A 36 -23.99 -20.42 -9.66
CA GLN A 36 -23.03 -20.17 -8.60
C GLN A 36 -22.08 -21.35 -8.55
N THR A 37 -20.78 -21.08 -8.52
CA THR A 37 -19.78 -22.11 -8.35
C THR A 37 -18.91 -21.73 -7.18
N VAL A 38 -18.62 -22.72 -6.34
CA VAL A 38 -17.69 -22.54 -5.23
C VAL A 38 -16.73 -23.71 -5.27
N ARG A 39 -15.44 -23.41 -5.42
N ARG A 39 -15.41 -23.44 -5.34
CA ARG A 39 -14.39 -24.39 -5.26
CA ARG A 39 -14.38 -24.48 -5.30
C ARG A 39 -13.62 -24.01 -4.01
C ARG A 39 -13.42 -24.18 -4.16
N SER A 40 -13.54 -24.92 -3.07
CA SER A 40 -12.80 -24.69 -1.84
C SER A 40 -11.76 -25.80 -1.71
N VAL A 41 -10.49 -25.43 -1.69
CA VAL A 41 -9.37 -26.34 -1.91
C VAL A 41 -8.38 -26.12 -0.79
N ALA A 42 -8.09 -27.18 -0.01
CA ALA A 42 -7.23 -27.06 1.15
C ALA A 42 -5.80 -27.51 0.87
N GLY A 43 -4.84 -26.88 1.56
CA GLY A 43 -3.47 -27.36 1.60
C GLY A 43 -2.56 -26.77 0.54
N ASP A 44 -1.29 -27.20 0.58
CA ASP A 44 -0.30 -26.70 -0.36
C ASP A 44 -0.73 -26.97 -1.79
N GLN A 45 -0.35 -26.07 -2.70
CA GLN A 45 -0.68 -26.21 -4.11
C GLN A 45 0.48 -25.72 -4.96
N ARG A 46 0.82 -26.52 -5.96
CA ARG A 46 1.77 -26.20 -7.01
C ARG A 46 0.91 -26.27 -8.28
N VAL A 47 0.56 -25.11 -8.81
CA VAL A 47 -0.46 -24.98 -9.83
C VAL A 47 0.25 -24.57 -11.13
N THR A 48 0.22 -25.48 -12.13
CA THR A 48 0.86 -25.24 -13.41
C THR A 48 -0.16 -25.02 -14.52
N ASP A 49 -1.45 -25.24 -14.26
CA ASP A 49 -2.51 -24.99 -15.22
C ASP A 49 -3.05 -23.58 -15.02
N PRO A 50 -3.76 -23.04 -16.01
CA PRO A 50 -4.36 -21.71 -15.82
C PRO A 50 -5.42 -21.73 -14.73
N VAL A 51 -5.51 -20.61 -14.03
CA VAL A 51 -6.50 -20.42 -12.98
C VAL A 51 -7.63 -19.59 -13.59
N ILE A 52 -8.81 -20.19 -13.70
CA ILE A 52 -9.96 -19.59 -14.38
C ILE A 52 -11.10 -19.52 -13.39
N VAL A 53 -11.58 -18.31 -13.11
CA VAL A 53 -12.69 -18.11 -12.20
C VAL A 53 -13.79 -17.42 -12.99
N GLY A 54 -14.97 -18.03 -13.06
CA GLY A 54 -16.06 -17.44 -13.81
C GLY A 54 -16.79 -16.35 -13.05
N ASP A 55 -17.73 -15.72 -13.73
CA ASP A 55 -18.64 -14.83 -13.03
C ASP A 55 -19.45 -15.67 -12.04
N ASN A 56 -19.85 -15.06 -10.92
CA ASN A 56 -20.61 -15.79 -9.89
C ASN A 56 -19.89 -17.07 -9.42
N SER A 57 -18.59 -16.99 -9.30
CA SER A 57 -17.81 -18.15 -8.90
C SER A 57 -16.81 -17.70 -7.85
N ILE A 58 -16.53 -18.58 -6.89
CA ILE A 58 -15.54 -18.32 -5.85
C ILE A 58 -14.56 -19.47 -5.87
N LEU A 59 -13.27 -19.16 -5.94
CA LEU A 59 -12.22 -20.16 -5.80
C LEU A 59 -11.46 -19.83 -4.54
N ASP A 60 -11.54 -20.70 -3.55
CA ASP A 60 -11.05 -20.50 -2.19
C ASP A 60 -9.89 -21.46 -1.95
N TYR A 61 -8.66 -21.00 -2.18
CA TYR A 61 -7.48 -21.76 -1.80
C TYR A 61 -7.15 -21.40 -0.36
N TYR A 62 -7.13 -22.37 0.54
CA TYR A 62 -6.84 -22.01 1.92
C TYR A 62 -6.04 -23.09 2.62
N GLY A 63 -5.43 -22.69 3.73
CA GLY A 63 -4.82 -23.62 4.64
C GLY A 63 -3.36 -23.92 4.38
N GLY A 64 -2.95 -23.91 3.11
CA GLY A 64 -1.61 -24.32 2.79
C GLY A 64 -0.57 -23.35 3.28
N SER A 65 0.65 -23.86 3.39
CA SER A 65 1.81 -23.02 3.70
C SER A 65 2.60 -22.65 2.47
N ASN A 66 2.40 -23.35 1.36
CA ASN A 66 3.16 -23.10 0.14
C ASN A 66 2.21 -23.12 -1.05
N TYR A 67 2.20 -22.02 -1.77
CA TYR A 67 1.42 -21.83 -2.99
C TYR A 67 2.36 -21.32 -4.06
N ASP A 68 2.40 -22.01 -5.20
CA ASP A 68 3.25 -21.61 -6.30
C ASP A 68 2.44 -21.75 -7.58
N PHE A 69 2.17 -20.61 -8.24
CA PHE A 69 1.43 -20.55 -9.49
C PHE A 69 2.36 -20.11 -10.62
N SER A 70 2.25 -20.77 -11.77
CA SER A 70 3.13 -20.43 -12.88
C SER A 70 2.41 -20.27 -14.21
N ASN A 71 1.09 -20.36 -14.25
CA ASN A 71 0.35 -20.17 -15.49
C ASN A 71 -0.57 -18.97 -15.34
N ASN A 72 -1.39 -18.73 -16.36
CA ASN A 72 -2.20 -17.52 -16.42
C ASN A 72 -3.36 -17.56 -15.42
N PHE A 73 -3.87 -16.37 -15.11
CA PHE A 73 -5.06 -16.21 -14.30
C PHE A 73 -6.07 -15.42 -15.13
N GLU A 74 -7.30 -15.94 -15.20
CA GLU A 74 -8.42 -15.22 -15.80
C GLU A 74 -9.53 -15.20 -14.77
N ILE A 75 -9.66 -14.09 -14.06
CA ILE A 75 -10.69 -13.93 -13.05
C ILE A 75 -11.79 -13.09 -13.65
N GLY A 76 -12.99 -13.66 -13.75
CA GLY A 76 -14.16 -12.91 -14.15
C GLY A 76 -14.73 -12.08 -13.01
N ARG A 77 -16.04 -11.87 -13.07
CA ARG A 77 -16.78 -11.18 -12.02
C ARG A 77 -17.07 -12.13 -10.86
N GLY A 78 -16.05 -12.81 -10.39
CA GLY A 78 -16.13 -13.66 -9.22
C GLY A 78 -14.97 -13.35 -8.30
N THR A 79 -14.63 -14.30 -7.43
CA THR A 79 -13.61 -14.09 -6.40
C THR A 79 -12.56 -15.18 -6.46
N LEU A 80 -11.29 -14.78 -6.45
CA LEU A 80 -10.17 -15.68 -6.20
C LEU A 80 -9.60 -15.30 -4.84
N TYR A 81 -9.55 -16.27 -3.93
CA TYR A 81 -9.04 -16.05 -2.59
C TYR A 81 -7.93 -17.05 -2.34
N ILE A 82 -6.80 -16.57 -1.85
CA ILE A 82 -5.68 -17.42 -1.43
C ILE A 82 -5.31 -16.99 -0.03
N GLY A 83 -5.47 -17.88 0.95
CA GLY A 83 -5.26 -17.44 2.31
C GLY A 83 -5.03 -18.57 3.30
N LYS A 84 -4.66 -18.18 4.51
CA LYS A 84 -4.40 -19.18 5.54
C LYS A 84 -5.71 -19.78 6.06
N GLU A 85 -6.68 -18.94 6.41
CA GLU A 85 -8.02 -19.40 6.76
C GLU A 85 -8.89 -19.39 5.52
N SER A 86 -9.88 -20.29 5.49
CA SER A 86 -10.82 -20.32 4.37
C SER A 86 -11.58 -19.01 4.22
N TYR A 87 -11.89 -18.66 2.97
CA TYR A 87 -12.80 -17.55 2.69
C TYR A 87 -14.11 -17.68 3.45
N PHE A 88 -14.52 -18.91 3.72
CA PHE A 88 -15.81 -19.18 4.31
C PHE A 88 -15.77 -19.30 5.82
N SER A 89 -14.63 -19.02 6.45
CA SER A 89 -14.57 -19.02 7.90
C SER A 89 -14.97 -17.64 8.40
N SER A 90 -15.26 -17.55 9.70
CA SER A 90 -15.82 -16.32 10.22
C SER A 90 -15.18 -15.98 11.55
N PHE A 91 -15.52 -14.78 12.02
CA PHE A 91 -15.12 -14.27 13.32
C PHE A 91 -15.21 -15.31 14.42
N GLN A 92 -16.30 -16.07 14.43
CA GLN A 92 -16.57 -16.99 15.53
C GLN A 92 -16.08 -18.42 15.26
N SER A 93 -15.28 -18.62 14.21
CA SER A 93 -14.83 -19.97 13.87
C SER A 93 -13.77 -20.46 14.84
N ALA A 94 -13.84 -21.76 15.12
CA ALA A 94 -12.79 -22.39 15.91
C ALA A 94 -11.49 -22.39 15.12
N PRO A 95 -10.35 -22.38 15.80
CA PRO A 95 -9.08 -22.49 15.08
C PRO A 95 -9.01 -23.77 14.26
N THR A 96 -8.19 -23.72 13.22
CA THR A 96 -7.88 -24.91 12.45
C THR A 96 -6.42 -25.26 12.72
N ASP A 97 -6.11 -26.54 12.57
CA ASP A 97 -4.76 -27.02 12.88
C ASP A 97 -3.96 -26.97 11.59
N VAL A 98 -3.58 -25.75 11.24
CA VAL A 98 -2.69 -25.53 10.10
C VAL A 98 -1.48 -24.75 10.62
N PRO A 99 -0.32 -24.89 9.99
CA PRO A 99 0.85 -24.10 10.39
C PRO A 99 0.63 -22.61 10.15
N ASN A 100 1.28 -21.81 10.99
CA ASN A 100 1.26 -20.36 10.87
C ASN A 100 2.39 -19.91 9.94
N SER A 101 2.32 -20.44 8.73
N SER A 101 2.27 -20.36 8.69
CA SER A 101 3.24 -20.08 7.66
CA SER A 101 3.28 -20.17 7.65
C SER A 101 2.42 -19.90 6.39
C SER A 101 2.55 -20.06 6.30
N PHE A 102 2.93 -19.05 5.49
CA PHE A 102 2.19 -18.73 4.28
C PHE A 102 3.16 -18.15 3.26
N HIS A 103 3.39 -18.89 2.17
CA HIS A 103 4.35 -18.52 1.14
C HIS A 103 3.65 -18.62 -0.20
N LEU A 104 3.46 -17.48 -0.84
CA LEU A 104 2.80 -17.39 -2.14
C LEU A 104 3.77 -16.87 -3.17
N LEU A 105 3.93 -17.60 -4.26
CA LEU A 105 4.78 -17.19 -5.36
C LEU A 105 3.95 -17.27 -6.63
N ILE A 106 3.92 -16.16 -7.39
CA ILE A 106 3.33 -16.14 -8.73
C ILE A 106 4.46 -15.74 -9.64
N LYS A 107 4.92 -16.67 -10.47
CA LYS A 107 6.14 -16.46 -11.22
C LYS A 107 6.09 -17.32 -12.46
N ASN A 108 6.56 -16.76 -13.58
CA ASN A 108 6.50 -17.31 -14.92
C ASN A 108 5.10 -17.26 -15.49
N THR A 109 4.13 -16.77 -14.73
CA THR A 109 2.81 -16.42 -15.24
C THR A 109 2.91 -15.33 -16.30
N ASN A 110 2.39 -15.59 -17.52
CA ASN A 110 2.41 -14.55 -18.54
C ASN A 110 1.35 -13.48 -18.30
N ASN A 111 0.13 -13.88 -17.94
CA ASN A 111 -0.97 -12.93 -17.83
C ASN A 111 -1.82 -13.19 -16.59
N LEU A 112 -1.99 -12.15 -15.79
CA LEU A 112 -2.92 -12.16 -14.67
C LEU A 112 -3.96 -11.08 -14.95
N GLN A 113 -5.19 -11.49 -15.26
CA GLN A 113 -6.29 -10.58 -15.54
C GLN A 113 -7.32 -10.71 -14.43
N ASN A 114 -7.59 -9.62 -13.71
CA ASN A 114 -8.59 -9.65 -12.66
C ASN A 114 -9.73 -8.69 -12.97
N ASN A 115 -10.92 -9.24 -13.23
CA ASN A 115 -12.13 -8.44 -13.40
C ASN A 115 -13.05 -8.52 -12.19
N GLY A 116 -12.63 -9.20 -11.14
CA GLY A 116 -13.47 -9.42 -10.00
C GLY A 116 -12.73 -9.06 -8.72
N GLN A 117 -12.73 -9.98 -7.77
CA GLN A 117 -12.06 -9.80 -6.49
C GLN A 117 -10.92 -10.81 -6.41
N PHE A 118 -9.74 -10.33 -6.08
CA PHE A 118 -8.57 -11.19 -5.89
C PHE A 118 -8.01 -10.84 -4.52
N ILE A 119 -8.12 -11.77 -3.57
CA ILE A 119 -7.76 -11.51 -2.18
C ILE A 119 -6.65 -12.48 -1.78
N ILE A 120 -5.61 -11.95 -1.13
CA ILE A 120 -4.54 -12.75 -0.55
C ILE A 120 -4.49 -12.40 0.93
N GLU A 121 -4.51 -13.42 1.79
CA GLU A 121 -4.56 -13.17 3.24
C GLU A 121 -3.67 -14.15 3.98
N ASN A 122 -2.73 -13.66 4.78
CA ASN A 122 -1.82 -14.60 5.45
C ASN A 122 -2.17 -14.89 6.90
N ILE A 123 -3.29 -14.38 7.42
CA ILE A 123 -3.55 -14.41 8.86
C ILE A 123 -4.10 -15.75 9.32
N LYS A 124 -3.48 -16.32 10.34
CA LYS A 124 -4.07 -17.42 11.10
C LYS A 124 -4.87 -16.83 12.26
N ARG A 125 -6.19 -17.02 12.23
CA ARG A 125 -7.07 -16.44 13.23
C ARG A 125 -6.68 -16.87 14.65
N HIS A 126 -6.62 -15.91 15.56
CA HIS A 126 -6.34 -16.11 16.99
C HIS A 126 -4.95 -16.67 17.27
N ALA A 127 -4.05 -16.67 16.30
CA ALA A 127 -2.67 -16.97 16.59
C ALA A 127 -2.03 -15.71 17.15
N ASN A 128 -1.20 -15.86 18.18
CA ASN A 128 -0.48 -14.69 18.71
C ASN A 128 1.00 -14.75 18.37
N GLN A 129 1.34 -15.42 17.29
CA GLN A 129 2.65 -15.33 16.68
C GLN A 129 2.50 -14.77 15.27
N CYS A 130 3.56 -14.15 14.79
CA CYS A 130 3.59 -13.73 13.39
C CYS A 130 3.70 -14.93 12.47
N SER A 131 2.98 -14.86 11.35
CA SER A 131 3.18 -15.82 10.28
C SER A 131 4.61 -15.77 9.75
N ASN A 132 5.18 -16.94 9.47
CA ASN A 132 6.36 -17.02 8.60
C ASN A 132 5.84 -16.87 7.17
N SER A 133 5.94 -15.67 6.60
CA SER A 133 5.12 -15.32 5.45
C SER A 133 5.92 -14.62 4.35
N SER A 134 5.64 -14.99 3.10
CA SER A 134 6.17 -14.26 1.96
C SER A 134 5.14 -14.25 0.85
N ILE A 135 5.03 -13.10 0.21
CA ILE A 135 4.18 -12.90 -0.96
C ILE A 135 5.06 -12.29 -2.03
N GLN A 136 5.12 -12.96 -3.17
CA GLN A 136 5.95 -12.52 -4.29
C GLN A 136 5.12 -12.67 -5.55
N VAL A 137 4.78 -11.55 -6.16
CA VAL A 137 3.85 -11.52 -7.29
C VAL A 137 4.58 -10.94 -8.48
N PHE A 138 5.02 -11.81 -9.39
CA PHE A 138 5.90 -11.45 -10.50
C PHE A 138 5.35 -11.90 -11.85
N PRO A 139 4.05 -11.82 -12.12
CA PRO A 139 3.60 -12.14 -13.49
C PRO A 139 4.16 -11.12 -14.47
N ILE A 140 4.26 -11.53 -15.73
CA ILE A 140 4.70 -10.57 -16.74
C ILE A 140 3.70 -9.43 -16.85
N ASN A 141 2.41 -9.77 -16.92
CA ASN A 141 1.32 -8.79 -17.03
C ASN A 141 0.37 -9.00 -15.88
N PHE A 142 -0.01 -7.92 -15.19
CA PHE A 142 -1.08 -7.95 -14.19
C PHE A 142 -1.98 -6.78 -14.51
N GLN A 143 -3.15 -7.08 -15.06
CA GLN A 143 -4.18 -6.06 -15.31
C GLN A 143 -5.27 -6.22 -14.26
N ASN A 144 -5.42 -5.23 -13.40
CA ASN A 144 -6.45 -5.25 -12.37
C ASN A 144 -7.58 -4.30 -12.76
N ASP A 145 -8.70 -4.87 -13.19
CA ASP A 145 -9.89 -4.09 -13.46
C ASP A 145 -10.88 -4.13 -12.30
N GLY A 146 -10.67 -5.01 -11.34
CA GLY A 146 -11.55 -5.14 -10.20
C GLY A 146 -10.83 -4.72 -8.95
N GLU A 147 -10.98 -5.53 -7.90
CA GLU A 147 -10.38 -5.25 -6.60
C GLU A 147 -9.30 -6.27 -6.33
N PHE A 148 -8.12 -5.79 -5.97
CA PHE A 148 -7.00 -6.63 -5.57
C PHE A 148 -6.69 -6.23 -4.15
N GLU A 149 -6.77 -7.18 -3.23
CA GLU A 149 -6.63 -6.86 -1.82
C GLU A 149 -5.66 -7.83 -1.18
N ILE A 150 -4.66 -7.30 -0.48
CA ILE A 150 -3.75 -8.11 0.34
C ILE A 150 -3.96 -7.73 1.78
N ILE A 151 -4.17 -8.75 2.61
CA ILE A 151 -4.41 -8.60 4.04
C ILE A 151 -3.29 -9.33 4.76
N SER A 152 -2.54 -8.61 5.58
CA SER A 152 -1.41 -9.19 6.28
C SER A 152 -1.55 -8.98 7.77
N GLY A 153 -1.13 -9.96 8.57
CA GLY A 153 -1.31 -9.88 10.01
C GLY A 153 -0.22 -9.08 10.71
N GLY A 154 -0.65 -8.30 11.70
CA GLY A 154 0.26 -7.70 12.66
C GLY A 154 -0.19 -8.16 14.04
N VAL A 155 0.75 -8.17 14.99
CA VAL A 155 0.47 -8.65 16.33
C VAL A 155 1.06 -7.62 17.29
N GLU A 156 0.20 -6.99 18.09
CA GLU A 156 0.70 -6.06 19.09
C GLU A 156 1.62 -6.76 20.07
N GLY A 157 2.77 -6.16 20.33
CA GLY A 157 3.76 -6.76 21.17
C GLY A 157 4.75 -7.64 20.44
N ARG A 158 4.43 -8.03 19.21
CA ARG A 158 5.30 -8.79 18.34
C ARG A 158 5.79 -7.85 17.25
N CYS A 159 6.58 -8.38 16.37
CA CYS A 159 7.14 -7.55 15.30
C CYS A 159 7.03 -8.33 13.99
N CYS A 160 5.83 -8.32 13.41
CA CYS A 160 5.61 -9.03 12.17
C CYS A 160 6.20 -8.24 11.02
N LEU A 161 7.15 -8.85 10.30
CA LEU A 161 7.83 -8.20 9.17
C LEU A 161 7.93 -9.20 8.04
N PRO A 162 6.80 -9.55 7.44
CA PRO A 162 6.80 -10.51 6.33
C PRO A 162 7.36 -9.90 5.06
N THR A 163 7.73 -10.76 4.12
CA THR A 163 8.20 -10.35 2.82
C THR A 163 7.01 -10.15 1.90
N SER A 164 6.97 -9.02 1.21
CA SER A 164 5.85 -8.74 0.31
C SER A 164 6.36 -7.91 -0.85
N VAL A 165 6.31 -8.49 -2.04
CA VAL A 165 6.82 -7.86 -3.25
C VAL A 165 5.78 -8.02 -4.35
N ILE A 166 5.27 -6.91 -4.82
CA ILE A 166 4.27 -6.87 -5.90
C ILE A 166 4.95 -6.17 -7.06
N ALA A 167 5.49 -6.93 -8.02
CA ALA A 167 6.28 -6.33 -9.11
C ALA A 167 6.05 -7.08 -10.41
N PRO A 168 4.83 -7.04 -10.94
CA PRO A 168 4.64 -7.47 -12.33
C PRO A 168 5.52 -6.65 -13.25
N GLN A 169 5.99 -7.28 -14.32
CA GLN A 169 6.76 -6.50 -15.29
C GLN A 169 5.92 -5.34 -15.83
N ASN A 170 4.62 -5.58 -16.04
CA ASN A 170 3.65 -4.59 -16.50
C ASN A 170 2.44 -4.67 -15.56
N PHE A 171 2.21 -3.61 -14.78
CA PHE A 171 1.09 -3.55 -13.84
C PHE A 171 0.16 -2.45 -14.32
N LEU A 172 -1.08 -2.80 -14.63
CA LEU A 172 -2.09 -1.84 -15.08
C LEU A 172 -3.23 -1.92 -14.09
N ASN A 173 -3.40 -0.87 -13.28
CA ASN A 173 -4.50 -0.82 -12.30
C ASN A 173 -5.60 0.14 -12.76
N ASN A 174 -6.69 -0.42 -13.27
CA ASN A 174 -7.91 0.32 -13.54
C ASN A 174 -8.93 0.21 -12.41
N GLY A 175 -8.63 -0.59 -11.38
CA GLY A 175 -9.54 -0.83 -10.28
C GLY A 175 -8.93 -0.38 -8.97
N LYS A 176 -9.15 -1.15 -7.92
CA LYS A 176 -8.77 -0.80 -6.58
C LYS A 176 -7.73 -1.80 -6.08
N PHE A 177 -6.61 -1.28 -5.57
CA PHE A 177 -5.55 -2.06 -4.97
C PHE A 177 -5.50 -1.66 -3.50
N TYR A 178 -5.91 -2.57 -2.63
CA TYR A 178 -5.94 -2.38 -1.18
C TYR A 178 -4.86 -3.24 -0.54
N TYR A 179 -4.14 -2.65 0.42
CA TYR A 179 -3.21 -3.39 1.24
C TYR A 179 -3.55 -3.00 2.67
N LYS A 180 -3.86 -3.99 3.51
CA LYS A 180 -4.25 -3.75 4.89
C LYS A 180 -3.45 -4.64 5.82
N VAL A 181 -3.01 -4.07 6.94
CA VAL A 181 -2.39 -4.81 8.03
C VAL A 181 -3.39 -4.82 9.18
N LEU A 182 -3.85 -6.02 9.54
CA LEU A 182 -4.87 -6.27 10.55
C LEU A 182 -4.36 -7.17 11.67
N THR A 183 -4.99 -7.07 12.83
CA THR A 183 -4.73 -7.99 13.92
C THR A 183 -5.34 -9.36 13.62
N ASP A 184 -4.95 -10.36 14.43
CA ASP A 184 -5.38 -11.74 14.21
C ASP A 184 -6.89 -11.93 14.38
N THR A 185 -7.63 -10.86 14.66
CA THR A 185 -9.10 -10.88 14.65
C THR A 185 -9.69 -9.91 13.63
N GLY A 186 -8.87 -9.16 12.90
CA GLY A 186 -9.34 -8.38 11.79
C GLY A 186 -9.53 -6.90 12.03
N SER A 187 -9.13 -6.38 13.20
CA SER A 187 -9.03 -4.95 13.39
C SER A 187 -7.74 -4.43 12.75
N ILE A 188 -7.70 -3.13 12.49
CA ILE A 188 -6.51 -2.54 11.87
C ILE A 188 -5.37 -2.57 12.88
N TYR A 189 -4.19 -2.97 12.42
CA TYR A 189 -3.00 -2.94 13.25
C TYR A 189 -2.25 -1.66 12.95
N SER A 190 -2.00 -0.88 14.01
CA SER A 190 -1.39 0.44 13.91
C SER A 190 -0.13 0.56 14.76
N GLY A 191 0.43 -0.55 15.22
CA GLY A 191 1.56 -0.51 16.10
C GLY A 191 2.86 -0.39 15.35
N SER A 192 3.94 -0.66 16.06
N SER A 192 3.94 -0.68 16.07
CA SER A 192 5.24 -0.62 15.43
CA SER A 192 5.27 -0.67 15.49
C SER A 192 5.48 -1.89 14.60
C SER A 192 5.46 -1.88 14.57
N CYS A 193 6.54 -1.82 13.81
CA CYS A 193 6.87 -2.82 12.79
C CYS A 193 5.95 -2.52 11.61
N MET A 194 6.35 -1.47 10.89
CA MET A 194 5.77 -1.13 9.60
C MET A 194 6.19 -2.17 8.57
N GLN A 195 5.23 -2.87 8.01
CA GLN A 195 5.56 -3.94 7.09
C GLN A 195 6.01 -3.36 5.76
N ASN A 196 7.16 -3.82 5.27
CA ASN A 196 7.72 -3.31 4.02
C ASN A 196 7.08 -4.01 2.85
N VAL A 197 6.42 -3.23 2.00
CA VAL A 197 5.73 -3.75 0.82
C VAL A 197 6.41 -3.10 -0.39
N ASP A 198 7.12 -3.91 -1.16
CA ASP A 198 7.83 -3.42 -2.34
C ASP A 198 6.87 -3.44 -3.52
N ILE A 199 6.69 -2.28 -4.14
CA ILE A 199 5.76 -2.13 -5.27
C ILE A 199 6.58 -1.72 -6.48
N GLY A 200 6.62 -2.59 -7.49
CA GLY A 200 7.42 -2.32 -8.65
C GLY A 200 8.89 -2.60 -8.41
N ALA A 201 9.66 -2.44 -9.47
CA ALA A 201 11.10 -2.65 -9.44
C ALA A 201 11.73 -1.84 -10.55
N SER A 202 13.06 -1.82 -10.59
CA SER A 202 13.74 -0.88 -11.45
C SER A 202 13.41 -1.08 -12.93
N THR A 203 13.04 -2.29 -13.35
CA THR A 203 12.71 -2.51 -14.75
C THR A 203 11.21 -2.52 -15.05
N THR A 204 10.35 -2.45 -14.04
CA THR A 204 8.93 -2.65 -14.29
C THR A 204 8.23 -1.35 -14.66
N THR A 205 7.02 -1.50 -15.19
CA THR A 205 6.17 -0.37 -15.59
C THR A 205 4.85 -0.52 -14.88
N THR A 206 4.48 0.48 -14.08
CA THR A 206 3.21 0.49 -13.38
C THR A 206 2.40 1.68 -13.84
N VAL A 207 1.17 1.42 -14.25
CA VAL A 207 0.21 2.46 -14.60
C VAL A 207 -0.93 2.35 -13.59
N ASN A 208 -1.20 3.43 -12.88
CA ASN A 208 -2.28 3.46 -11.91
C ASN A 208 -3.32 4.47 -12.39
N ASN A 209 -4.52 3.97 -12.69
CA ASN A 209 -5.58 4.81 -13.23
C ASN A 209 -6.78 4.94 -12.30
N ASN A 210 -6.70 4.43 -11.07
CA ASN A 210 -7.87 4.52 -10.20
C ASN A 210 -7.47 4.71 -8.73
N LEU A 211 -7.33 3.65 -7.96
CA LEU A 211 -7.10 3.80 -6.53
C LEU A 211 -6.12 2.78 -5.98
N TRP A 212 -5.17 3.26 -5.18
CA TRP A 212 -4.44 2.47 -4.20
C TRP A 212 -4.85 2.94 -2.81
N GLU A 213 -5.01 2.02 -1.88
CA GLU A 213 -5.25 2.41 -0.50
C GLU A 213 -4.50 1.46 0.42
N PHE A 214 -3.63 2.02 1.24
CA PHE A 214 -2.77 1.28 2.16
C PHE A 214 -3.16 1.67 3.58
N THR A 215 -3.61 0.68 4.34
CA THR A 215 -4.23 0.88 5.65
C THR A 215 -3.46 0.14 6.73
N GLY A 216 -3.08 0.85 7.80
CA GLY A 216 -2.35 0.25 8.89
C GLY A 216 -0.86 0.41 8.75
N SER A 217 -0.13 -0.35 9.56
CA SER A 217 1.33 -0.19 9.68
C SER A 217 2.04 -0.85 8.50
N ILE A 218 2.08 -0.09 7.41
CA ILE A 218 2.67 -0.44 6.12
C ILE A 218 3.67 0.64 5.73
N ASN A 219 4.87 0.22 5.32
CA ASN A 219 5.84 1.07 4.61
C ASN A 219 5.81 0.62 3.15
N ALA A 220 5.10 1.38 2.32
CA ALA A 220 4.96 1.07 0.90
C ALA A 220 6.16 1.65 0.17
N GLN A 221 6.99 0.78 -0.35
CA GLN A 221 8.25 1.16 -1.00
C GLN A 221 7.97 1.16 -2.49
N ILE A 222 7.87 2.35 -3.09
CA ILE A 222 7.54 2.47 -4.52
C ILE A 222 8.87 2.46 -5.25
N ASN A 223 9.21 1.31 -5.79
CA ASN A 223 10.56 1.04 -6.27
C ASN A 223 10.65 1.04 -7.79
N GLY A 224 9.53 1.22 -8.48
CA GLY A 224 9.54 1.32 -9.92
C GLY A 224 8.70 2.50 -10.38
N ALA A 225 8.82 2.79 -11.67
CA ALA A 225 8.07 3.89 -12.28
C ALA A 225 6.58 3.69 -12.15
N VAL A 226 5.87 4.76 -11.80
CA VAL A 226 4.42 4.79 -11.73
C VAL A 226 3.94 6.02 -12.51
N SER A 227 2.96 5.81 -13.38
CA SER A 227 2.33 6.91 -14.10
C SER A 227 0.86 6.61 -14.19
N GLY A 228 0.10 7.55 -14.74
CA GLY A 228 -1.33 7.38 -14.96
C GLY A 228 -2.09 8.57 -14.41
N ALA A 229 -3.22 8.30 -13.75
CA ALA A 229 -4.04 9.35 -13.15
C ALA A 229 -4.89 8.68 -12.08
N ALA A 230 -4.52 8.87 -10.82
CA ALA A 230 -5.09 8.04 -9.77
C ALA A 230 -4.94 8.73 -8.44
N GLN A 231 -5.59 8.15 -7.44
CA GLN A 231 -5.42 8.56 -6.06
C GLN A 231 -4.77 7.44 -5.29
N ILE A 232 -3.97 7.84 -4.30
CA ILE A 232 -3.34 6.92 -3.36
C ILE A 232 -3.70 7.40 -1.96
N ASN A 233 -4.42 6.57 -1.23
CA ASN A 233 -4.86 6.88 0.13
C ASN A 233 -3.94 6.19 1.13
N LEU A 234 -3.30 6.96 1.99
CA LEU A 234 -2.40 6.44 3.02
C LEU A 234 -3.10 6.60 4.35
N ASP A 235 -3.72 5.53 4.82
CA ASP A 235 -4.49 5.51 6.07
C ASP A 235 -3.61 4.94 7.17
N GLY A 236 -2.85 5.82 7.84
CA GLY A 236 -1.93 5.40 8.89
C GLY A 236 -0.61 4.84 8.37
N SER A 237 -0.45 4.72 7.07
CA SER A 237 0.70 4.10 6.44
C SER A 237 1.68 5.15 5.98
N ASN A 238 2.90 4.70 5.64
CA ASN A 238 3.94 5.49 5.03
C ASN A 238 4.13 5.03 3.61
N MET A 239 4.35 5.96 2.69
CA MET A 239 4.74 5.64 1.33
C MET A 239 6.04 6.34 0.98
N PHE A 240 7.00 5.55 0.48
CA PHE A 240 8.32 6.03 0.10
C PHE A 240 8.42 6.04 -1.41
N VAL A 241 8.56 7.23 -1.99
CA VAL A 241 8.79 7.37 -3.42
C VAL A 241 10.28 7.25 -3.63
N ASN A 242 10.71 6.10 -4.10
CA ASN A 242 12.12 5.76 -4.27
C ASN A 242 12.56 5.83 -5.72
N ALA A 243 11.63 5.97 -6.64
CA ALA A 243 11.92 5.95 -8.07
C ALA A 243 11.87 7.36 -8.65
N ASN A 244 12.20 7.46 -9.94
CA ASN A 244 12.32 8.76 -10.59
C ASN A 244 11.12 9.15 -11.44
N THR A 245 10.13 8.27 -11.55
CA THR A 245 8.88 8.54 -12.24
C THR A 245 7.76 8.20 -11.29
N PHE A 246 6.98 9.21 -10.91
CA PHE A 246 5.84 9.06 -10.01
C PHE A 246 4.87 10.16 -10.41
N SER A 247 4.07 9.90 -11.44
CA SER A 247 3.31 10.99 -12.01
C SER A 247 1.84 10.64 -12.16
N GLY A 248 1.05 11.70 -12.07
CA GLY A 248 -0.39 11.60 -12.10
C GLY A 248 -1.04 11.06 -10.84
N GLN A 249 -0.28 10.89 -9.77
CA GLN A 249 -0.77 10.27 -8.55
C GLN A 249 -1.01 11.34 -7.50
N VAL A 250 -2.27 11.47 -7.09
CA VAL A 250 -2.66 12.34 -5.98
C VAL A 250 -2.58 11.54 -4.70
N VAL A 251 -1.92 12.07 -3.67
CA VAL A 251 -1.72 11.36 -2.42
C VAL A 251 -2.56 12.01 -1.32
N ASN A 252 -3.34 11.20 -0.61
CA ASN A 252 -4.17 11.66 0.51
C ASN A 252 -3.66 11.03 1.80
N LEU A 253 -3.33 11.88 2.77
CA LEU A 253 -2.79 11.46 4.06
C LEU A 253 -3.90 11.45 5.10
N ILE A 254 -4.11 10.31 5.73
CA ILE A 254 -5.25 10.03 6.61
C ILE A 254 -4.71 9.40 7.88
N ASN A 255 -5.26 9.77 9.05
CA ASN A 255 -4.94 9.05 10.29
C ASN A 255 -3.43 8.93 10.48
N GLY A 256 -2.73 10.03 10.27
CA GLY A 256 -1.31 10.05 10.55
C GLY A 256 -0.42 9.49 9.47
N GLY A 257 -0.95 9.21 8.27
CA GLY A 257 -0.12 8.73 7.18
C GLY A 257 0.91 9.76 6.75
N SER A 258 1.94 9.27 6.06
CA SER A 258 3.06 10.11 5.66
C SER A 258 3.55 9.77 4.26
N PHE A 259 3.95 10.81 3.55
CA PHE A 259 4.56 10.74 2.24
C PHE A 259 6.03 11.05 2.40
N LEU A 260 6.88 10.17 1.93
CA LEU A 260 8.32 10.37 1.98
C LEU A 260 8.91 10.18 0.59
N GLN A 261 9.89 11.02 0.22
CA GLN A 261 10.56 10.84 -1.05
C GLN A 261 12.06 10.69 -0.83
N THR A 262 12.64 9.62 -1.39
CA THR A 262 14.07 9.40 -1.30
C THR A 262 14.81 9.68 -2.59
N SER A 263 14.11 9.67 -3.72
CA SER A 263 14.72 10.02 -5.00
C SER A 263 14.92 11.54 -5.09
N ASP A 264 15.67 11.96 -6.09
CA ASP A 264 15.86 13.38 -6.35
C ASP A 264 14.52 14.01 -6.73
N PRO A 265 14.41 15.33 -6.59
CA PRO A 265 13.12 15.98 -6.87
C PRO A 265 12.56 15.63 -8.24
N LEU A 266 11.27 15.38 -8.27
CA LEU A 266 10.54 15.15 -9.51
C LEU A 266 10.27 16.47 -10.25
N SER A 267 10.16 16.39 -11.58
CA SER A 267 9.77 17.55 -12.38
C SER A 267 8.35 17.98 -12.06
N ASN A 268 7.46 17.01 -11.83
CA ASN A 268 6.07 17.31 -11.54
C ASN A 268 5.91 17.65 -10.07
N ILE A 269 4.87 18.44 -9.78
CA ILE A 269 4.55 18.90 -8.45
C ILE A 269 3.47 17.95 -7.93
N VAL A 270 3.86 17.03 -7.06
CA VAL A 270 2.92 16.02 -6.55
C VAL A 270 1.89 16.68 -5.65
N VAL A 271 0.63 16.32 -5.83
CA VAL A 271 -0.46 16.81 -4.99
C VAL A 271 -0.52 15.91 -3.75
N ILE A 272 -0.43 16.53 -2.58
CA ILE A 272 -0.48 15.79 -1.31
C ILE A 272 -1.52 16.49 -0.45
N ASN A 273 -2.64 15.83 -0.22
CA ASN A 273 -3.75 16.35 0.58
C ASN A 273 -3.72 15.75 1.98
N GLY A 274 -4.12 16.54 2.99
CA GLY A 274 -4.26 16.03 4.34
C GLY A 274 -3.16 16.39 5.31
N LEU A 275 -2.19 17.22 4.94
CA LEU A 275 -1.19 17.65 5.91
C LEU A 275 -1.85 18.44 7.03
N GLY A 276 -1.61 18.02 8.27
CA GLY A 276 -2.19 18.69 9.40
C GLY A 276 -2.07 17.84 10.66
N THR A 277 -2.50 18.43 11.76
CA THR A 277 -2.48 17.79 13.07
C THR A 277 -3.91 17.79 13.61
N SER A 278 -4.40 16.61 13.98
CA SER A 278 -5.71 16.50 14.64
C SER A 278 -5.66 15.35 15.64
N ASP A 279 -6.80 15.03 16.24
CA ASP A 279 -6.78 13.89 17.16
C ASP A 279 -6.69 12.55 16.41
N THR A 280 -6.91 12.55 15.09
CA THR A 280 -6.67 11.34 14.31
C THR A 280 -5.20 11.10 14.04
N GLY A 281 -4.32 12.08 14.30
CA GLY A 281 -2.88 11.90 14.19
C GLY A 281 -2.20 13.13 13.59
N VAL A 282 -0.89 13.00 13.36
CA VAL A 282 -0.08 14.02 12.71
C VAL A 282 0.39 13.42 11.40
N THR A 283 -0.07 13.98 10.29
CA THR A 283 0.42 13.55 8.99
C THR A 283 1.69 14.33 8.66
N SER A 284 2.48 13.81 7.72
CA SER A 284 3.75 14.47 7.45
C SER A 284 4.19 14.24 6.01
N ILE A 285 5.08 15.14 5.57
CA ILE A 285 5.73 15.09 4.27
C ILE A 285 7.23 15.19 4.52
N ALA A 286 8.00 14.27 3.95
CA ALA A 286 9.42 14.19 4.29
C ALA A 286 10.25 13.91 3.05
N VAL A 287 11.41 14.55 2.98
CA VAL A 287 12.30 14.39 1.85
C VAL A 287 13.68 14.00 2.39
N LYS A 288 14.34 13.10 1.68
CA LYS A 288 15.62 12.58 2.17
C LYS A 288 16.66 13.69 2.33
N GLY A 289 17.36 13.64 3.46
CA GLY A 289 18.46 14.55 3.75
C GLY A 289 18.19 15.35 5.01
N LYS A 290 18.77 16.53 5.05
CA LYS A 290 18.66 17.47 6.17
C LYS A 290 18.11 18.79 5.66
N GLY A 291 17.34 19.45 6.50
CA GLY A 291 16.66 20.67 6.10
C GLY A 291 17.60 21.86 6.04
N LYS A 292 17.42 22.64 4.99
CA LYS A 292 17.99 23.98 4.89
C LYS A 292 16.94 25.07 5.03
N SER A 293 15.82 24.96 4.32
CA SER A 293 14.79 25.98 4.38
C SER A 293 13.51 25.44 3.74
N PHE A 294 12.43 26.18 3.93
CA PHE A 294 11.20 25.89 3.23
C PHE A 294 10.47 27.18 2.94
N THR A 295 9.66 27.16 1.88
N THR A 295 9.65 27.14 1.89
CA THR A 295 8.77 28.29 1.59
CA THR A 295 8.77 28.23 1.52
C THR A 295 7.42 27.75 1.16
C THR A 295 7.39 27.67 1.26
N TYR A 296 6.37 28.47 1.54
CA TYR A 296 5.00 28.10 1.24
C TYR A 296 4.31 29.34 0.68
N ASN A 297 3.60 29.17 -0.42
CA ASN A 297 2.85 30.28 -1.00
C ASN A 297 1.38 30.07 -0.75
N PRO A 298 0.75 30.84 0.15
CA PRO A 298 -0.67 30.60 0.45
C PRO A 298 -1.63 30.96 -0.66
N SER A 299 -1.16 31.56 -1.74
CA SER A 299 -1.97 31.84 -2.92
C SER A 299 -1.79 30.82 -4.04
N SER A 300 -0.82 29.91 -3.95
CA SER A 300 -0.70 28.84 -4.93
C SER A 300 -0.83 27.44 -4.35
N GLY A 301 -0.62 27.26 -3.05
CA GLY A 301 -0.64 25.95 -2.45
C GLY A 301 0.63 25.17 -2.57
N ILE A 302 1.68 25.74 -3.17
CA ILE A 302 2.93 25.01 -3.38
C ILE A 302 3.85 25.25 -2.21
N VAL A 303 4.37 24.16 -1.64
CA VAL A 303 5.42 24.23 -0.63
C VAL A 303 6.70 23.72 -1.26
N LYS A 304 7.82 24.38 -0.94
CA LYS A 304 9.14 24.00 -1.46
C LYS A 304 10.05 23.70 -0.28
N LEU A 305 10.57 22.48 -0.24
CA LEU A 305 11.50 22.02 0.79
C LEU A 305 12.88 21.93 0.19
N THR A 306 13.83 22.71 0.71
CA THR A 306 15.21 22.69 0.23
C THR A 306 16.11 22.03 1.27
N THR A 307 16.92 21.07 0.81
CA THR A 307 17.84 20.35 1.68
C THR A 307 19.20 21.03 1.70
N VAL A 308 20.05 20.62 2.66
CA VAL A 308 21.40 21.18 2.78
C VAL A 308 22.21 20.93 1.52
N GLU A 309 21.99 19.81 0.85
CA GLU A 309 22.68 19.53 -0.41
C GLU A 309 22.15 20.36 -1.57
N GLY A 310 21.11 21.16 -1.38
CA GLY A 310 20.64 22.07 -2.39
C GLY A 310 19.54 21.55 -3.28
N LYS A 311 18.93 20.42 -2.93
CA LYS A 311 17.81 19.88 -3.69
C LYS A 311 16.52 20.51 -3.18
N THR A 312 15.67 20.96 -4.11
CA THR A 312 14.40 21.59 -3.74
C THR A 312 13.26 20.72 -4.22
N TYR A 313 12.41 20.28 -3.28
CA TYR A 313 11.25 19.44 -3.58
C TYR A 313 10.01 20.31 -3.51
N ALA A 314 9.15 20.24 -4.53
CA ALA A 314 7.95 21.07 -4.60
C ALA A 314 6.72 20.18 -4.57
N TYR A 315 5.79 20.49 -3.66
CA TYR A 315 4.56 19.72 -3.50
C TYR A 315 3.37 20.67 -3.44
N GLN A 316 2.24 20.19 -3.91
CA GLN A 316 1.00 20.98 -3.94
C GLN A 316 0.13 20.48 -2.78
N ILE A 317 0.10 21.25 -1.68
CA ILE A 317 -0.61 20.86 -0.47
C ILE A 317 -1.89 21.63 -0.26
N GLY A 318 -2.19 22.58 -1.11
CA GLY A 318 -3.44 23.33 -1.02
C GLY A 318 -3.24 24.68 -0.37
N CYS A 319 -4.18 25.57 -0.64
CA CYS A 319 -4.26 26.84 0.06
C CYS A 319 -5.00 26.65 1.40
N GLY A 320 -4.90 27.65 2.27
CA GLY A 320 -5.55 27.57 3.57
C GLY A 320 -4.62 27.37 4.74
N TYR A 321 -3.31 27.23 4.49
CA TYR A 321 -2.34 27.10 5.57
C TYR A 321 -1.76 28.46 5.96
N ASN A 322 -1.53 28.61 7.25
CA ASN A 322 -0.84 29.77 7.81
C ASN A 322 0.65 29.42 7.92
N THR A 323 1.50 30.20 7.21
CA THR A 323 2.91 29.86 7.13
C THR A 323 3.55 29.73 8.52
N LYS A 324 3.05 30.48 9.50
CA LYS A 324 3.61 30.47 10.85
C LYS A 324 3.33 29.18 11.60
N LYS A 325 2.43 28.33 11.11
CA LYS A 325 2.04 27.13 11.83
C LYS A 325 2.67 25.87 11.24
N PHE A 326 3.49 25.99 10.20
CA PHE A 326 4.31 24.87 9.77
C PHE A 326 5.43 24.61 10.77
N ILE A 327 5.79 23.34 10.88
CA ILE A 327 6.88 22.89 11.74
C ILE A 327 7.81 22.08 10.85
N THR A 328 9.12 22.28 11.02
CA THR A 328 10.07 21.44 10.32
C THR A 328 11.05 20.86 11.31
N ASN A 329 11.47 19.63 11.06
N ASN A 329 11.46 19.63 11.02
CA ASN A 329 12.47 18.98 11.91
CA ASN A 329 12.39 18.90 11.84
C ASN A 329 13.19 17.93 11.09
C ASN A 329 13.30 18.09 10.93
N ASN A 330 14.45 17.68 11.47
CA ASN A 330 15.22 16.61 10.87
C ASN A 330 14.92 15.33 11.65
N ASP A 331 14.96 14.21 10.94
CA ASP A 331 14.71 12.90 11.52
C ASP A 331 15.80 11.95 11.06
N SER A 332 16.08 10.94 11.90
CA SER A 332 17.06 9.90 11.57
C SER A 332 16.50 8.88 10.59
N GLY A 333 15.21 8.90 10.36
CA GLY A 333 14.49 7.84 9.70
C GLY A 333 13.76 6.90 10.64
N ALA A 334 14.21 6.81 11.90
CA ALA A 334 13.66 5.79 12.79
C ALA A 334 12.17 5.98 13.04
N SER A 335 11.68 7.22 13.01
CA SER A 335 10.25 7.49 13.19
C SER A 335 9.42 6.86 12.10
N TYR A 336 10.04 6.55 10.97
CA TYR A 336 9.38 5.94 9.83
C TYR A 336 9.90 4.54 9.57
N GLU A 337 10.68 3.99 10.49
CA GLU A 337 11.32 2.68 10.32
C GLU A 337 12.11 2.62 9.03
N SER A 338 12.90 3.68 8.83
CA SER A 338 13.81 3.86 7.71
C SER A 338 15.20 4.14 8.26
N ALA A 339 16.23 3.89 7.45
CA ALA A 339 17.58 4.29 7.82
C ALA A 339 17.99 5.62 7.19
N ASP A 340 17.21 6.12 6.24
CA ASP A 340 17.52 7.40 5.61
C ASP A 340 17.15 8.56 6.53
N ASN A 341 18.04 9.55 6.60
CA ASN A 341 17.71 10.83 7.21
C ASN A 341 16.65 11.53 6.39
N PHE A 342 15.76 12.26 7.08
CA PHE A 342 14.70 13.03 6.43
C PHE A 342 14.54 14.42 7.04
N PHE A 343 14.17 15.32 6.15
CA PHE A 343 13.70 16.67 6.45
C PHE A 343 12.17 16.62 6.43
N VAL A 344 11.54 16.85 7.58
CA VAL A 344 10.14 16.54 7.79
C VAL A 344 9.32 17.82 7.96
N LEU A 345 8.28 17.95 7.15
CA LEU A 345 7.33 19.05 7.24
C LEU A 345 6.04 18.55 7.89
N THR A 346 5.61 19.25 8.94
CA THR A 346 4.30 19.04 9.54
C THR A 346 3.60 20.38 9.69
N TYR A 347 2.34 20.33 10.08
CA TYR A 347 1.53 21.54 10.27
C TYR A 347 0.74 21.38 11.55
N SER A 348 0.77 22.40 12.41
CA SER A 348 0.33 22.22 13.79
C SER A 348 -1.19 22.31 13.99
N GLU A 349 -1.94 22.70 12.97
N GLU A 349 -1.94 22.69 12.98
CA GLU A 349 -3.39 22.74 13.12
CA GLU A 349 -3.39 22.76 13.06
C GLU A 349 -4.06 21.78 12.14
C GLU A 349 -4.05 21.75 12.14
N PRO A 350 -5.36 21.55 12.27
CA PRO A 350 -6.03 20.57 11.39
C PRO A 350 -5.97 20.96 9.93
N TYR A 351 -5.95 19.93 9.08
CA TYR A 351 -6.13 20.13 7.64
C TYR A 351 -7.43 20.85 7.37
N SER A 352 -7.36 21.93 6.60
CA SER A 352 -8.53 22.76 6.30
C SER A 352 -8.31 23.47 4.98
N PRO A 353 -8.49 22.77 3.88
CA PRO A 353 -8.16 23.36 2.58
C PRO A 353 -9.14 24.45 2.21
N GLN A 354 -8.61 25.42 1.47
N GLN A 354 -8.65 25.40 1.43
CA GLN A 354 -9.37 26.51 0.89
CA GLN A 354 -9.44 26.51 0.91
C GLN A 354 -9.09 26.55 -0.61
C GLN A 354 -9.03 26.71 -0.54
N THR A 355 -9.97 27.21 -1.34
CA THR A 355 -9.70 27.52 -2.73
C THR A 355 -8.62 28.60 -2.83
N CYS A 356 -7.67 28.41 -3.73
CA CYS A 356 -6.59 29.39 -3.88
C CYS A 356 -7.12 30.68 -4.51
N GLN A 357 -6.61 31.80 -4.00
CA GLN A 357 -6.96 33.12 -4.51
C GLN A 357 -5.69 33.96 -4.54
N LEU A 358 -5.41 34.63 -5.66
CA LEU A 358 -4.19 35.42 -5.71
C LEU A 358 -4.33 36.71 -4.92
N GLU A 359 -5.51 37.31 -4.93
CA GLU A 359 -5.79 38.48 -4.08
C GLU A 359 -4.83 39.62 -4.41
CL CL B . 11.27 -6.05 6.37
NA NA C . 19.47 7.89 9.09
#